data_4DE3
#
_entry.id   4DE3
#
_cell.length_a   45.174
_cell.length_b   107.188
_cell.length_c   47.487
_cell.angle_alpha   90.000
_cell.angle_beta   100.380
_cell.angle_gamma   90.000
#
_symmetry.space_group_name_H-M   'P 1 21 1'
#
loop_
_entity.id
_entity.type
_entity.pdbx_description
1 polymer Beta-lactamase
2 non-polymer 3-bromo-N-[3-(1H-tetrazol-5-yl)phenyl]benzamide
3 non-polymer 'DIMETHYL SULFOXIDE'
4 water water
#
_entity_poly.entity_id   1
_entity_poly.type   'polypeptide(L)'
_entity_poly.pdbx_seq_one_letter_code
;(PCA)TSAVQQKLAALEKSSGGRLGVALIDTADNTQVLYRGDERFPMCSTSKVMAAAAVLKQSETQKQLLNQPVEIKPAD
LVNYNPIAEKHVNGTMTLAELSAAALQYSDNTAMNKLIAQLGGPGGVTAFARAIGDETFRLDRTEPTLNTAIPGDPRDTT
TPRAMAQTLRQLTLGHALGETQRAQLVTWLKGNTTGAASIRAGLPTSWTAGDKTGSGDYGTTNDIAVIWPQGRAPLVLVT
YFTQPQQNAESRRDVLASAARIIAEGL
;
_entity_poly.pdbx_strand_id   A,B
#
loop_
_chem_comp.id
_chem_comp.type
_chem_comp.name
_chem_comp.formula
DMS non-polymer 'DIMETHYL SULFOXIDE' 'C2 H6 O S'
DN8 non-polymer 3-bromo-N-[3-(1H-tetrazol-5-yl)phenyl]benzamide 'C14 H10 Br N5 O'
#
# COMPACT_ATOMS: atom_id res chain seq x y z
N ALA A 4 -5.94 2.15 -1.36
CA ALA A 4 -7.19 2.61 -0.68
C ALA A 4 -6.90 3.23 0.69
N VAL A 5 -6.23 2.49 1.57
CA VAL A 5 -5.88 3.01 2.90
C VAL A 5 -4.89 4.18 2.75
N GLN A 6 -3.93 4.06 1.85
CA GLN A 6 -3.00 5.17 1.68
C GLN A 6 -3.72 6.43 1.19
N GLN A 7 -4.61 6.25 0.23
CA GLN A 7 -5.34 7.36 -0.35
C GLN A 7 -6.25 7.98 0.70
N LYS A 8 -6.88 7.13 1.51
CA LYS A 8 -7.70 7.62 2.61
C LYS A 8 -6.93 8.44 3.64
N LEU A 9 -5.75 7.97 4.04
CA LEU A 9 -4.93 8.74 4.99
C LEU A 9 -4.49 10.05 4.34
N ALA A 10 -4.16 10.03 3.04
CA ALA A 10 -3.83 11.28 2.37
C ALA A 10 -4.99 12.29 2.32
N ALA A 11 -6.19 11.78 2.10
CA ALA A 11 -7.40 12.62 2.13
C ALA A 11 -7.64 13.21 3.52
N LEU A 12 -7.52 12.39 4.55
CA LEU A 12 -7.62 12.88 5.92
C LEU A 12 -6.58 13.99 6.17
N GLU A 13 -5.34 13.74 5.75
CA GLU A 13 -4.30 14.72 5.99
C GLU A 13 -4.61 16.04 5.31
N LYS A 14 -5.05 15.97 4.06
CA LYS A 14 -5.28 17.21 3.32
CA LYS A 14 -5.34 17.19 3.29
C LYS A 14 -6.41 18.02 3.96
N SER A 15 -7.47 17.35 4.39
CA SER A 15 -8.59 18.06 5.01
CA SER A 15 -8.58 18.08 4.99
C SER A 15 -8.24 18.61 6.38
N SER A 16 -7.22 18.03 7.02
CA SER A 16 -6.85 18.41 8.39
C SER A 16 -6.00 19.68 8.43
N GLY A 17 -5.39 19.98 7.29
CA GLY A 17 -4.42 21.07 7.13
C GLY A 17 -3.05 20.85 7.75
N GLY A 18 -2.82 19.69 8.39
CA GLY A 18 -1.51 19.39 9.01
C GLY A 18 -0.72 18.30 8.32
N ARG A 19 0.21 17.73 9.06
CA ARG A 19 1.08 16.68 8.54
C ARG A 19 0.84 15.49 9.49
N LEU A 20 0.48 14.37 8.87
CA LEU A 20 0.09 13.14 9.55
C LEU A 20 1.09 12.02 9.27
N GLY A 21 1.46 11.30 10.35
CA GLY A 21 2.38 10.19 10.28
C GLY A 21 1.74 8.97 10.88
N VAL A 22 1.75 7.85 10.16
CA VAL A 22 1.12 6.62 10.65
C VAL A 22 2.00 5.42 10.44
N ALA A 23 2.11 4.56 11.44
CA ALA A 23 2.73 3.26 11.23
C ALA A 23 1.91 2.22 11.97
N LEU A 24 1.45 1.23 11.23
CA LEU A 24 0.80 0.06 11.77
C LEU A 24 1.70 -1.15 11.57
N ILE A 25 1.84 -1.97 12.61
CA ILE A 25 2.36 -3.33 12.47
C ILE A 25 1.29 -4.30 12.88
N ASP A 26 0.96 -5.22 12.01
CA ASP A 26 0.02 -6.28 12.30
C ASP A 26 0.83 -7.51 12.63
N THR A 27 0.81 -7.93 13.89
CA THR A 27 1.67 -9.04 14.32
C THR A 27 1.16 -10.40 13.86
N ALA A 28 -0.03 -10.42 13.26
CA ALA A 28 -0.55 -11.66 12.66
C ALA A 28 0.37 -12.18 11.57
N ASP A 29 0.96 -11.24 10.81
CA ASP A 29 1.75 -11.62 9.64
C ASP A 29 2.88 -10.64 9.30
N ASN A 30 3.18 -9.75 10.25
CA ASN A 30 4.24 -8.77 10.06
C ASN A 30 3.96 -7.81 8.92
N THR A 31 2.69 -7.66 8.55
CA THR A 31 2.33 -6.61 7.60
C THR A 31 2.45 -5.22 8.23
N GLN A 32 2.87 -4.26 7.40
CA GLN A 32 2.86 -2.88 7.83
C GLN A 32 2.05 -2.00 6.90
N VAL A 33 1.56 -0.92 7.47
CA VAL A 33 1.06 0.21 6.71
C VAL A 33 1.73 1.45 7.27
N LEU A 34 2.43 2.19 6.30
CA LEU A 34 3.20 3.39 6.61
C LEU A 34 2.65 4.56 5.82
N TYR A 35 2.48 5.69 6.51
CA TYR A 35 2.12 6.95 5.85
C TYR A 35 3.08 7.98 6.47
N ARG A 36 3.94 8.54 5.64
CA ARG A 36 5.10 9.35 6.12
C ARG A 36 5.86 8.59 7.24
N GLY A 37 6.04 7.28 7.02
CA GLY A 37 6.60 6.40 8.03
C GLY A 37 8.05 6.71 8.35
N ASP A 38 8.76 7.35 7.41
CA ASP A 38 10.16 7.65 7.64
C ASP A 38 10.45 9.14 7.79
N GLU A 39 9.40 9.94 7.98
CA GLU A 39 9.57 11.36 8.35
C GLU A 39 9.62 11.53 9.85
N ARG A 40 10.40 12.49 10.31
CA ARG A 40 10.48 12.77 11.74
C ARG A 40 9.34 13.64 12.21
N PHE A 41 8.85 13.32 13.41
CA PHE A 41 7.78 14.09 14.06
C PHE A 41 8.20 14.32 15.51
N PRO A 42 7.80 15.46 16.12
CA PRO A 42 8.05 15.64 17.55
C PRO A 42 7.27 14.59 18.33
N MET A 43 7.93 13.86 19.22
CA MET A 43 7.27 12.81 20.02
C MET A 43 6.31 13.32 21.11
N CYS A 44 6.65 14.48 21.66
CA CYS A 44 5.98 14.98 22.88
C CYS A 44 5.89 13.83 23.89
N SER A 45 4.76 13.72 24.62
CA SER A 45 4.73 12.76 25.74
C SER A 45 4.70 11.29 25.35
N THR A 46 4.64 10.98 24.04
CA THR A 46 4.82 9.58 23.67
C THR A 46 6.22 9.08 24.04
N SER A 47 7.15 10.03 24.20
CA SER A 47 8.47 9.66 24.68
C SER A 47 8.48 9.11 26.09
N LYS A 48 7.41 9.32 26.86
CA LYS A 48 7.39 8.86 28.26
C LYS A 48 7.44 7.34 28.31
N VAL A 49 6.95 6.67 27.25
CA VAL A 49 7.08 5.23 27.17
C VAL A 49 8.52 4.76 27.18
N MET A 50 9.38 5.43 26.43
CA MET A 50 10.77 5.02 26.37
C MET A 50 11.47 5.25 27.69
N ALA A 51 11.17 6.37 28.36
CA ALA A 51 11.73 6.61 29.70
C ALA A 51 11.28 5.58 30.74
N ALA A 52 9.97 5.30 30.75
CA ALA A 52 9.47 4.33 31.73
C ALA A 52 10.05 2.96 31.43
N ALA A 53 10.14 2.61 30.14
CA ALA A 53 10.72 1.32 29.76
C ALA A 53 12.19 1.21 30.16
N ALA A 54 12.91 2.33 30.06
CA ALA A 54 14.33 2.31 30.47
C ALA A 54 14.50 2.04 31.95
N VAL A 55 13.61 2.63 32.78
CA VAL A 55 13.66 2.37 34.21
C VAL A 55 13.25 0.92 34.47
N LEU A 56 12.24 0.41 33.76
CA LEU A 56 11.93 -1.03 33.91
C LEU A 56 13.16 -1.89 33.57
N LYS A 57 13.89 -1.53 32.51
CA LYS A 57 15.07 -2.34 32.20
C LYS A 57 16.06 -2.33 33.37
N GLN A 58 16.26 -1.16 33.96
CA GLN A 58 17.18 -1.04 35.11
C GLN A 58 16.69 -1.91 36.24
N SER A 59 15.37 -1.98 36.41
CA SER A 59 14.84 -2.80 37.50
C SER A 59 15.07 -4.31 37.34
N GLU A 60 15.49 -4.75 36.13
CA GLU A 60 15.77 -6.17 35.95
C GLU A 60 16.99 -6.61 36.75
N THR A 61 17.89 -5.68 37.00
CA THR A 61 19.11 -6.03 37.74
C THR A 61 19.13 -5.38 39.13
N GLN A 62 18.13 -4.56 39.40
CA GLN A 62 17.90 -3.99 40.74
C GLN A 62 16.46 -4.20 41.09
N LYS A 63 16.17 -5.33 41.74
CA LYS A 63 14.80 -5.80 41.85
C LYS A 63 14.01 -4.91 42.81
N GLN A 64 14.70 -4.09 43.62
CA GLN A 64 14.06 -3.09 44.46
C GLN A 64 13.99 -1.64 43.90
N LEU A 65 14.45 -1.44 42.68
CA LEU A 65 14.53 -0.10 42.11
C LEU A 65 13.17 0.60 42.10
N LEU A 66 12.10 -0.15 41.79
CA LEU A 66 10.80 0.49 41.63
C LEU A 66 10.26 0.97 42.97
N ASN A 67 10.83 0.46 44.07
CA ASN A 67 10.43 0.90 45.41
C ASN A 67 11.29 2.05 45.96
N GLN A 68 12.29 2.48 45.19
CA GLN A 68 13.17 3.56 45.64
C GLN A 68 12.43 4.89 45.69
N PRO A 69 12.48 5.58 46.84
CA PRO A 69 11.86 6.90 46.94
C PRO A 69 12.69 7.99 46.26
N VAL A 70 11.98 8.93 45.65
CA VAL A 70 12.58 10.08 45.00
C VAL A 70 11.92 11.33 45.55
N GLU A 71 12.75 12.29 46.01
CA GLU A 71 12.23 13.55 46.58
C GLU A 71 11.57 14.41 45.52
N ILE A 72 10.41 14.96 45.89
CA ILE A 72 9.70 15.94 45.07
C ILE A 72 9.77 17.26 45.81
N LYS A 73 10.55 18.21 45.31
CA LYS A 73 10.68 19.53 45.89
CA LYS A 73 10.65 19.55 45.91
C LYS A 73 9.75 20.54 45.17
N PRO A 74 9.37 21.65 45.83
CA PRO A 74 8.58 22.66 45.13
C PRO A 74 9.17 23.08 43.80
N ALA A 75 10.48 23.28 43.75
CA ALA A 75 11.15 23.76 42.55
C ALA A 75 11.19 22.70 41.45
N ASP A 76 10.87 21.45 41.80
CA ASP A 76 10.80 20.39 40.77
C ASP A 76 9.52 20.44 39.95
N LEU A 77 8.48 21.08 40.47
CA LEU A 77 7.20 21.10 39.75
C LEU A 77 7.35 21.87 38.47
N VAL A 78 6.81 21.33 37.38
CA VAL A 78 6.78 22.05 36.11
C VAL A 78 5.35 22.44 35.74
N ASN A 79 4.90 22.16 34.51
CA ASN A 79 3.68 22.78 34.00
C ASN A 79 2.44 21.87 33.99
N TYR A 80 2.63 20.62 34.37
CA TYR A 80 1.49 19.67 34.42
C TYR A 80 1.88 18.52 35.33
N ASN A 81 1.33 18.59 36.54
CA ASN A 81 1.80 17.78 37.66
C ASN A 81 0.67 17.21 38.49
N PRO A 82 -0.29 16.56 37.82
CA PRO A 82 -1.51 16.14 38.53
C PRO A 82 -1.23 15.18 39.69
N ILE A 83 -0.19 14.36 39.60
CA ILE A 83 0.18 13.44 40.66
C ILE A 83 1.28 14.06 41.54
N ALA A 84 2.34 14.57 40.93
CA ALA A 84 3.50 15.07 41.69
C ALA A 84 3.14 16.22 42.64
N GLU A 85 2.19 17.08 42.27
CA GLU A 85 1.82 18.19 43.16
C GLU A 85 1.29 17.67 44.50
N LYS A 86 0.75 16.46 44.52
CA LYS A 86 0.28 15.91 45.80
CA LYS A 86 0.26 15.92 45.80
C LYS A 86 1.39 15.51 46.75
N HIS A 87 2.60 15.39 46.23
CA HIS A 87 3.73 14.82 46.94
C HIS A 87 4.86 15.79 47.15
N VAL A 88 4.62 17.07 46.88
CA VAL A 88 5.68 18.05 47.06
CA VAL A 88 5.63 18.10 47.07
C VAL A 88 6.11 18.10 48.55
N ASN A 89 7.41 18.26 48.77
CA ASN A 89 8.01 18.16 50.09
C ASN A 89 7.87 16.75 50.68
N GLY A 90 7.53 15.80 49.82
CA GLY A 90 7.58 14.37 50.15
C GLY A 90 8.36 13.62 49.08
N THR A 91 7.93 12.39 48.86
CA THR A 91 8.59 11.50 47.92
C THR A 91 7.57 10.70 47.11
N MET A 92 8.04 10.22 45.94
CA MET A 92 7.33 9.22 45.15
C MET A 92 8.28 8.11 44.80
N THR A 93 7.80 6.87 44.75
CA THR A 93 8.71 5.78 44.32
C THR A 93 8.87 5.82 42.81
N LEU A 94 9.91 5.16 42.31
CA LEU A 94 10.04 5.05 40.86
C LEU A 94 8.86 4.34 40.19
N ALA A 95 8.21 3.38 40.89
CA ALA A 95 6.97 2.79 40.33
C ALA A 95 5.88 3.87 40.24
N GLU A 96 5.74 4.66 41.28
CA GLU A 96 4.72 5.73 41.23
C GLU A 96 5.00 6.78 40.13
N LEU A 97 6.28 7.07 39.93
CA LEU A 97 6.66 8.09 38.97
C LEU A 97 6.40 7.51 37.58
N SER A 98 6.71 6.23 37.40
CA SER A 98 6.44 5.55 36.12
C SER A 98 4.95 5.58 35.78
N ALA A 99 4.10 5.18 36.75
CA ALA A 99 2.67 5.15 36.54
C ALA A 99 2.13 6.56 36.31
N ALA A 100 2.66 7.53 37.05
CA ALA A 100 2.22 8.90 36.88
C ALA A 100 2.51 9.45 35.50
N ALA A 101 3.76 9.20 35.06
CA ALA A 101 4.16 9.64 33.74
C ALA A 101 3.32 8.94 32.67
N LEU A 102 3.14 7.62 32.78
CA LEU A 102 2.43 6.91 31.71
C LEU A 102 0.93 7.15 31.69
N GLN A 103 0.32 7.08 32.87
CA GLN A 103 -1.14 6.98 32.94
C GLN A 103 -1.83 8.32 33.10
N TYR A 104 -1.10 9.28 33.65
CA TYR A 104 -1.60 10.65 33.88
C TYR A 104 -0.84 11.69 33.06
N SER A 105 0.24 11.26 32.40
CA SER A 105 1.07 12.17 31.61
C SER A 105 1.67 13.31 32.44
N ASP A 106 1.98 12.98 33.69
CA ASP A 106 2.64 13.93 34.60
C ASP A 106 4.08 14.29 34.14
N ASN A 107 4.28 15.58 33.94
CA ASN A 107 5.59 16.06 33.42
C ASN A 107 6.71 16.08 34.48
N THR A 108 6.33 16.34 35.73
CA THR A 108 7.31 16.26 36.81
C THR A 108 7.79 14.81 36.97
N ALA A 109 6.84 13.85 36.94
CA ALA A 109 7.21 12.46 36.97
C ALA A 109 8.17 12.06 35.84
N MET A 110 7.87 12.48 34.60
CA MET A 110 8.80 12.23 33.50
C MET A 110 10.18 12.79 33.79
N ASN A 111 10.27 14.01 34.30
CA ASN A 111 11.59 14.56 34.66
C ASN A 111 12.38 13.68 35.64
N LYS A 112 11.68 13.11 36.63
CA LYS A 112 12.37 12.21 37.54
C LYS A 112 12.84 10.91 36.85
N LEU A 113 12.06 10.41 35.89
CA LEU A 113 12.49 9.25 35.10
C LEU A 113 13.75 9.60 34.31
N ILE A 114 13.74 10.76 33.65
CA ILE A 114 14.92 11.20 32.87
C ILE A 114 16.13 11.30 33.79
N ALA A 115 15.95 11.90 34.95
CA ALA A 115 17.07 12.08 35.90
C ALA A 115 17.62 10.73 36.37
N GLN A 116 16.72 9.79 36.66
CA GLN A 116 17.12 8.43 36.99
C GLN A 116 18.06 7.81 35.92
N LEU A 117 17.86 8.20 34.65
CA LEU A 117 18.59 7.62 33.54
C LEU A 117 19.83 8.48 33.20
N GLY A 118 20.05 9.54 33.96
CA GLY A 118 21.21 10.43 33.77
C GLY A 118 21.00 11.48 32.71
N GLY A 119 19.75 11.80 32.43
CA GLY A 119 19.44 12.84 31.47
C GLY A 119 18.83 12.31 30.17
N PRO A 120 18.42 13.19 29.26
CA PRO A 120 17.73 12.75 28.05
C PRO A 120 18.59 11.74 27.26
N GLY A 121 19.90 11.98 27.21
CA GLY A 121 20.81 11.06 26.53
C GLY A 121 20.76 9.64 27.06
N GLY A 122 20.39 9.43 28.33
CA GLY A 122 20.33 8.05 28.83
C GLY A 122 19.10 7.35 28.28
N VAL A 123 18.05 8.12 28.01
CA VAL A 123 16.86 7.54 27.38
C VAL A 123 17.19 7.15 25.92
N THR A 124 17.87 8.04 25.21
CA THR A 124 18.36 7.74 23.87
C THR A 124 19.27 6.51 23.85
N ALA A 125 20.16 6.41 24.84
CA ALA A 125 21.03 5.26 24.91
C ALA A 125 20.26 3.97 25.08
N PHE A 126 19.20 3.99 25.89
CA PHE A 126 18.37 2.81 25.99
C PHE A 126 17.74 2.45 24.65
N ALA A 127 17.15 3.45 23.95
CA ALA A 127 16.59 3.21 22.61
C ALA A 127 17.64 2.53 21.70
N ARG A 128 18.91 3.05 21.67
CA ARG A 128 19.92 2.45 20.81
C ARG A 128 20.23 1.02 21.20
N ALA A 129 20.29 0.75 22.51
CA ALA A 129 20.55 -0.57 22.99
C ALA A 129 19.52 -1.62 22.57
N ILE A 130 18.29 -1.18 22.29
CA ILE A 130 17.27 -2.12 21.88
C ILE A 130 17.07 -2.11 20.37
N GLY A 131 17.93 -1.40 19.66
CA GLY A 131 17.99 -1.42 18.18
C GLY A 131 17.27 -0.27 17.52
N ASP A 132 16.85 0.72 18.30
CA ASP A 132 16.19 1.87 17.73
C ASP A 132 17.24 2.94 17.46
N GLU A 133 17.54 3.15 16.18
CA GLU A 133 18.61 4.09 15.79
C GLU A 133 18.05 5.46 15.49
N THR A 134 16.73 5.63 15.68
CA THR A 134 16.02 6.80 15.19
C THR A 134 15.58 7.75 16.28
N PHE A 135 14.99 7.18 17.33
CA PHE A 135 14.57 7.95 18.49
C PHE A 135 15.69 8.83 19.02
N ARG A 136 15.36 10.07 19.39
CA ARG A 136 16.29 10.88 20.17
C ARG A 136 15.52 11.73 21.16
N LEU A 137 15.98 11.71 22.42
CA LEU A 137 15.41 12.60 23.44
C LEU A 137 16.58 13.55 23.77
N ASP A 138 16.31 14.85 23.66
CA ASP A 138 17.31 15.86 23.80
C ASP A 138 17.08 16.79 24.99
N ARG A 139 15.82 16.91 25.42
CA ARG A 139 15.46 17.88 26.44
C ARG A 139 14.59 17.25 27.51
N THR A 140 14.45 17.99 28.62
CA THR A 140 13.53 17.59 29.70
C THR A 140 12.14 18.22 29.48
N GLU A 141 11.20 17.92 30.39
CA GLU A 141 9.92 18.60 30.34
C GLU A 141 10.07 19.98 30.98
N PRO A 142 9.35 20.98 30.44
CA PRO A 142 8.34 20.85 29.42
C PRO A 142 8.83 21.16 28.01
N THR A 143 10.10 21.58 27.88
CA THR A 143 10.50 22.10 26.58
C THR A 143 10.65 21.06 25.48
N LEU A 144 10.66 19.78 25.84
CA LEU A 144 10.75 18.74 24.80
C LEU A 144 9.49 18.73 23.91
N ASN A 145 8.46 19.50 24.28
CA ASN A 145 7.21 19.59 23.52
C ASN A 145 7.10 20.84 22.64
N THR A 146 8.19 21.58 22.42
CA THR A 146 8.07 22.77 21.57
C THR A 146 7.64 22.45 20.14
N ALA A 147 8.03 21.27 19.64
CA ALA A 147 7.48 20.74 18.39
C ALA A 147 7.68 21.68 17.18
N ILE A 148 8.81 22.39 17.12
CA ILE A 148 9.08 23.33 16.06
C ILE A 148 9.35 22.58 14.77
N PRO A 149 8.68 22.99 13.68
CA PRO A 149 8.89 22.29 12.41
C PRO A 149 10.38 22.34 12.08
N GLY A 150 10.89 21.20 11.65
CA GLY A 150 12.29 21.08 11.21
C GLY A 150 13.27 20.75 12.31
N ASP A 151 12.85 20.96 13.55
CA ASP A 151 13.76 20.73 14.67
C ASP A 151 13.93 19.21 14.87
N PRO A 152 15.17 18.70 14.87
CA PRO A 152 15.33 17.26 15.07
C PRO A 152 15.22 16.87 16.57
N ARG A 153 15.27 17.84 17.46
CA ARG A 153 15.23 17.47 18.90
C ARG A 153 13.96 16.74 19.27
N ASP A 154 14.10 15.69 20.07
CA ASP A 154 12.93 15.01 20.68
C ASP A 154 11.98 14.52 19.62
N THR A 155 12.55 13.93 18.56
CA THR A 155 11.76 13.38 17.46
C THR A 155 12.03 11.89 17.24
N THR A 156 11.10 11.25 16.54
CA THR A 156 11.35 9.94 15.94
C THR A 156 10.52 9.79 14.69
N THR A 157 10.58 8.63 14.06
CA THR A 157 9.70 8.42 12.91
C THR A 157 8.58 7.44 13.32
N PRO A 158 7.46 7.49 12.62
CA PRO A 158 6.42 6.49 12.92
C PRO A 158 6.90 5.05 12.81
N ARG A 159 7.66 4.73 11.77
CA ARG A 159 8.15 3.36 11.59
C ARG A 159 9.00 2.92 12.78
N ALA A 160 9.93 3.78 13.19
CA ALA A 160 10.79 3.43 14.31
C ALA A 160 10.01 3.26 15.60
N MET A 161 9.08 4.17 15.86
CA MET A 161 8.35 4.08 17.11
CA MET A 161 8.34 4.10 17.12
C MET A 161 7.44 2.87 17.15
N ALA A 162 6.86 2.51 16.01
CA ALA A 162 6.00 1.32 16.03
C ALA A 162 6.83 0.08 16.32
N GLN A 163 7.99 -0.02 15.67
CA GLN A 163 8.88 -1.15 15.87
C GLN A 163 9.29 -1.24 17.34
N THR A 164 9.72 -0.11 17.90
CA THR A 164 10.11 -0.06 19.31
C THR A 164 8.95 -0.42 20.26
N LEU A 165 7.76 0.14 20.02
CA LEU A 165 6.64 -0.17 20.91
C LEU A 165 6.33 -1.66 20.84
N ARG A 166 6.42 -2.25 19.66
CA ARG A 166 6.24 -3.72 19.57
C ARG A 166 7.32 -4.49 20.36
N GLN A 167 8.57 -4.10 20.22
CA GLN A 167 9.62 -4.81 20.93
C GLN A 167 9.42 -4.73 22.45
N LEU A 168 9.01 -3.56 22.92
CA LEU A 168 8.83 -3.34 24.35
C LEU A 168 7.64 -4.08 24.95
N THR A 169 6.53 -4.10 24.21
CA THR A 169 5.27 -4.62 24.76
C THR A 169 4.96 -6.06 24.38
N LEU A 170 5.51 -6.52 23.24
CA LEU A 170 5.19 -7.84 22.72
C LEU A 170 6.41 -8.68 22.47
N GLY A 171 7.57 -8.04 22.49
CA GLY A 171 8.81 -8.75 22.18
C GLY A 171 9.63 -8.90 23.42
N HIS A 172 10.95 -8.90 23.25
CA HIS A 172 11.87 -9.30 24.29
C HIS A 172 12.87 -8.21 24.72
N ALA A 173 12.54 -6.96 24.42
CA ALA A 173 13.34 -5.83 24.90
C ALA A 173 13.44 -5.80 26.42
N LEU A 174 12.34 -6.19 27.08
CA LEU A 174 12.29 -6.22 28.54
C LEU A 174 12.12 -7.65 29.02
N GLY A 175 12.45 -7.94 30.28
CA GLY A 175 12.11 -9.24 30.88
C GLY A 175 10.58 -9.43 30.95
N GLU A 176 10.11 -10.67 31.10
CA GLU A 176 8.66 -10.91 31.04
CA GLU A 176 8.68 -10.99 31.10
C GLU A 176 7.90 -10.14 32.12
N THR A 177 8.41 -10.11 33.36
CA THR A 177 7.74 -9.33 34.38
C THR A 177 7.63 -7.86 34.02
N GLN A 178 8.72 -7.30 33.49
CA GLN A 178 8.76 -5.88 33.14
C GLN A 178 7.86 -5.55 31.93
N ARG A 179 7.88 -6.43 30.92
CA ARG A 179 6.97 -6.31 29.78
C ARG A 179 5.51 -6.28 30.27
N ALA A 180 5.17 -7.21 31.16
CA ALA A 180 3.81 -7.30 31.67
C ALA A 180 3.45 -6.03 32.43
N GLN A 181 4.41 -5.49 33.19
CA GLN A 181 4.14 -4.25 33.94
C GLN A 181 3.92 -3.08 32.97
N LEU A 182 4.75 -2.99 31.93
CA LEU A 182 4.56 -1.93 30.95
C LEU A 182 3.18 -2.02 30.29
N VAL A 183 2.80 -3.23 29.90
CA VAL A 183 1.49 -3.44 29.26
C VAL A 183 0.38 -3.02 30.22
N THR A 184 0.48 -3.46 31.46
CA THR A 184 -0.56 -3.12 32.45
C THR A 184 -0.64 -1.61 32.61
N TRP A 185 0.51 -0.94 32.70
CA TRP A 185 0.46 0.52 32.76
C TRP A 185 -0.25 1.18 31.58
N LEU A 186 0.11 0.77 30.35
CA LEU A 186 -0.46 1.35 29.17
C LEU A 186 -1.95 1.10 29.09
N LYS A 187 -2.35 -0.13 29.46
CA LYS A 187 -3.78 -0.47 29.44
C LYS A 187 -4.55 0.32 30.50
N GLY A 188 -3.83 0.82 31.51
CA GLY A 188 -4.47 1.65 32.53
C GLY A 188 -4.38 3.15 32.24
N ASN A 189 -3.95 3.52 31.04
CA ASN A 189 -3.91 4.94 30.72
C ASN A 189 -5.25 5.63 30.96
N THR A 190 -5.17 6.84 31.50
CA THR A 190 -6.39 7.66 31.63
C THR A 190 -6.65 8.67 30.51
N THR A 191 -5.67 8.90 29.62
CA THR A 191 -5.75 10.07 28.75
C THR A 191 -6.11 9.75 27.29
N GLY A 192 -6.41 8.49 27.01
CA GLY A 192 -6.47 8.01 25.61
C GLY A 192 -7.78 7.79 24.90
N ALA A 193 -8.92 7.98 25.58
CA ALA A 193 -10.20 7.61 24.97
C ALA A 193 -10.62 8.40 23.72
N ALA A 194 -10.02 9.57 23.49
CA ALA A 194 -10.42 10.42 22.39
C ALA A 194 -9.47 10.29 21.19
N SER A 195 -8.44 9.48 21.36
CA SER A 195 -7.37 9.45 20.37
C SER A 195 -7.49 8.19 19.52
N ILE A 196 -6.41 7.39 19.39
CA ILE A 196 -6.49 6.18 18.58
C ILE A 196 -7.70 5.30 18.95
N ARG A 197 -7.91 5.11 20.25
CA ARG A 197 -8.96 4.18 20.68
C ARG A 197 -10.38 4.62 20.32
N ALA A 198 -10.58 5.91 20.04
CA ALA A 198 -11.91 6.41 19.61
C ALA A 198 -12.25 5.92 18.21
N GLY A 199 -11.22 5.55 17.45
CA GLY A 199 -11.42 5.05 16.11
C GLY A 199 -11.49 3.55 15.95
N LEU A 200 -11.42 2.81 17.06
CA LEU A 200 -11.41 1.36 17.04
C LEU A 200 -12.75 0.82 17.53
N PRO A 201 -13.13 -0.40 17.10
CA PRO A 201 -14.33 -1.04 17.67
C PRO A 201 -14.24 -1.13 19.16
N THR A 202 -15.38 -0.98 19.83
CA THR A 202 -15.41 -0.88 21.28
C THR A 202 -15.20 -2.24 21.93
N SER A 203 -15.39 -3.32 21.16
CA SER A 203 -15.09 -4.65 21.63
C SER A 203 -13.61 -4.81 21.94
N TRP A 204 -12.76 -4.18 21.12
CA TRP A 204 -11.32 -4.35 21.17
C TRP A 204 -10.74 -3.80 22.50
N THR A 205 -9.53 -4.24 22.85
CA THR A 205 -8.85 -3.71 24.03
CA THR A 205 -8.82 -3.81 24.04
C THR A 205 -7.50 -3.17 23.58
N ALA A 206 -7.04 -2.17 24.30
CA ALA A 206 -5.79 -1.48 23.96
C ALA A 206 -5.14 -0.78 25.16
N GLY A 207 -3.87 -0.45 25.04
CA GLY A 207 -3.19 0.46 25.92
C GLY A 207 -2.55 1.48 25.02
N ASP A 208 -2.35 2.69 25.51
CA ASP A 208 -1.76 3.75 24.69
C ASP A 208 -1.06 4.79 25.54
N LYS A 209 -0.29 5.64 24.87
CA LYS A 209 0.31 6.81 25.47
C LYS A 209 0.14 7.99 24.51
N THR A 210 -0.54 9.05 24.98
CA THR A 210 -0.78 10.24 24.17
C THR A 210 0.38 11.23 24.29
N GLY A 211 0.37 12.20 23.40
CA GLY A 211 1.25 13.37 23.57
C GLY A 211 0.67 14.57 22.85
N SER A 212 1.07 15.75 23.28
CA SER A 212 0.75 16.99 22.60
C SER A 212 1.75 18.10 22.89
N GLY A 213 1.72 19.13 22.06
CA GLY A 213 2.62 20.23 22.30
C GLY A 213 2.22 21.41 21.47
N ASP A 214 3.25 22.33 21.31
CA ASP A 214 2.95 23.44 20.40
C ASP A 214 2.78 22.98 18.93
N TYR A 215 2.46 23.91 18.05
CA TYR A 215 2.16 23.56 16.65
C TYR A 215 0.99 22.56 16.54
N GLY A 216 0.06 22.62 17.50
CA GLY A 216 -1.12 21.76 17.46
C GLY A 216 -0.74 20.28 17.40
N THR A 217 0.45 19.96 17.92
CA THR A 217 0.93 18.61 17.78
C THR A 217 0.07 17.71 18.64
N THR A 218 -0.36 16.62 18.06
CA THR A 218 -1.33 15.70 18.70
C THR A 218 -0.94 14.28 18.31
N ASN A 219 -0.50 13.48 19.31
CA ASN A 219 0.09 12.17 19.04
C ASN A 219 -0.53 11.06 19.90
N ASP A 220 -0.37 9.83 19.47
CA ASP A 220 -0.76 8.67 20.26
C ASP A 220 -0.04 7.47 19.74
N ILE A 221 0.39 6.59 20.63
CA ILE A 221 0.97 5.30 20.23
C ILE A 221 0.24 4.22 21.01
N ALA A 222 -0.09 3.12 20.35
CA ALA A 222 -0.99 2.14 20.99
C ALA A 222 -0.61 0.71 20.68
N VAL A 223 -0.88 -0.18 21.62
CA VAL A 223 -0.81 -1.60 21.38
CA VAL A 223 -0.85 -1.60 21.32
C VAL A 223 -2.28 -2.07 21.50
N ILE A 224 -2.74 -2.87 20.55
CA ILE A 224 -4.16 -3.13 20.41
C ILE A 224 -4.41 -4.63 20.29
N TRP A 225 -5.39 -5.13 21.03
CA TRP A 225 -5.79 -6.54 20.95
C TRP A 225 -7.20 -6.63 20.34
N PRO A 226 -7.27 -6.80 19.01
CA PRO A 226 -8.56 -6.88 18.35
C PRO A 226 -9.22 -8.19 18.70
N GLN A 227 -10.55 -8.12 18.73
CA GLN A 227 -11.34 -9.34 18.87
C GLN A 227 -10.88 -10.48 17.94
N GLY A 228 -10.33 -11.54 18.51
CA GLY A 228 -9.99 -12.75 17.75
C GLY A 228 -8.76 -12.67 16.84
N ARG A 229 -8.03 -11.56 16.92
CA ARG A 229 -6.83 -11.34 16.08
C ARG A 229 -5.58 -11.17 16.91
N ALA A 230 -4.43 -11.49 16.33
CA ALA A 230 -3.15 -11.11 16.92
C ALA A 230 -3.05 -9.60 17.15
N PRO A 231 -2.22 -9.19 18.11
CA PRO A 231 -2.15 -7.77 18.44
C PRO A 231 -1.65 -6.89 17.28
N LEU A 232 -2.03 -5.62 17.33
CA LEU A 232 -1.51 -4.58 16.41
C LEU A 232 -0.72 -3.58 17.18
N VAL A 233 0.23 -2.93 16.52
CA VAL A 233 0.85 -1.77 17.11
C VAL A 233 0.58 -0.62 16.16
N LEU A 234 0.13 0.53 16.69
CA LEU A 234 -0.26 1.66 15.83
C LEU A 234 0.30 2.93 16.39
N VAL A 235 0.99 3.69 15.55
CA VAL A 235 1.47 5.00 15.89
C VAL A 235 0.78 6.03 15.00
N THR A 236 0.24 7.08 15.61
CA THR A 236 -0.35 8.20 14.86
C THR A 236 0.21 9.49 15.37
N TYR A 237 1.00 10.16 14.53
CA TYR A 237 1.57 11.44 14.86
C TYR A 237 0.97 12.53 13.96
N PHE A 238 0.71 13.72 14.53
CA PHE A 238 0.11 14.80 13.76
C PHE A 238 0.62 16.13 14.25
N THR A 239 0.97 17.01 13.33
CA THR A 239 1.47 18.32 13.68
C THR A 239 1.05 19.35 12.62
N GLN A 240 1.00 20.61 13.02
CA GLN A 240 0.32 21.64 12.22
C GLN A 240 1.25 22.83 12.05
N PRO A 241 0.98 23.67 11.04
CA PRO A 241 1.95 24.69 10.63
C PRO A 241 1.99 25.95 11.53
N GLN A 242 0.96 26.17 12.33
CA GLN A 242 1.00 27.34 13.24
C GLN A 242 1.24 26.99 14.70
N GLN A 243 2.07 27.80 15.35
CA GLN A 243 2.49 27.49 16.73
C GLN A 243 1.32 27.32 17.67
N ASN A 244 0.25 28.12 17.50
CA ASN A 244 -0.86 28.03 18.41
CA ASN A 244 -0.92 28.13 18.40
C ASN A 244 -2.13 27.28 17.96
N ALA A 245 -1.91 26.42 16.96
CA ALA A 245 -2.96 25.54 16.47
C ALA A 245 -3.59 24.70 17.60
N GLU A 246 -4.88 24.45 17.46
CA GLU A 246 -5.58 23.58 18.41
C GLU A 246 -5.25 22.10 18.23
N SER A 247 -5.34 21.35 19.34
CA SER A 247 -5.18 19.89 19.29
C SER A 247 -6.25 19.23 18.44
N ARG A 248 -5.88 18.14 17.78
CA ARG A 248 -6.79 17.44 16.87
C ARG A 248 -6.79 15.95 17.20
N ARG A 249 -7.31 15.59 18.37
CA ARG A 249 -7.34 14.17 18.73
C ARG A 249 -8.25 13.44 17.77
N ASP A 250 -9.28 14.13 17.27
CA ASP A 250 -10.16 13.54 16.27
C ASP A 250 -9.48 13.04 15.00
N VAL A 251 -8.39 13.71 14.60
CA VAL A 251 -7.66 13.29 13.41
C VAL A 251 -6.96 11.94 13.70
N LEU A 252 -6.44 11.78 14.91
CA LEU A 252 -5.84 10.48 15.28
C LEU A 252 -6.90 9.35 15.30
N ALA A 253 -8.07 9.67 15.88
CA ALA A 253 -9.21 8.70 15.87
C ALA A 253 -9.60 8.33 14.42
N SER A 254 -9.65 9.34 13.56
CA SER A 254 -9.95 9.10 12.12
C SER A 254 -8.93 8.22 11.42
N ALA A 255 -7.65 8.50 11.67
CA ALA A 255 -6.60 7.64 11.14
C ALA A 255 -6.73 6.20 11.65
N ALA A 256 -6.96 6.02 12.95
CA ALA A 256 -7.13 4.68 13.47
C ALA A 256 -8.38 3.99 12.85
N ARG A 257 -9.46 4.74 12.62
CA ARG A 257 -10.66 4.15 12.01
C ARG A 257 -10.37 3.68 10.56
N ILE A 258 -9.61 4.47 9.81
CA ILE A 258 -9.21 4.09 8.46
C ILE A 258 -8.43 2.78 8.51
N ILE A 259 -7.48 2.73 9.43
CA ILE A 259 -6.69 1.53 9.61
C ILE A 259 -7.53 0.29 9.97
N ALA A 260 -8.41 0.43 10.96
CA ALA A 260 -9.21 -0.70 11.41
C ALA A 260 -10.20 -1.17 10.35
N GLU A 261 -10.75 -0.22 9.58
CA GLU A 261 -11.70 -0.57 8.53
C GLU A 261 -10.97 -1.22 7.36
N GLY A 262 -9.66 -1.03 7.33
CA GLY A 262 -8.85 -1.57 6.25
C GLY A 262 -8.33 -2.97 6.55
N LEU A 263 -8.52 -3.40 7.79
CA LEU A 263 -8.06 -4.72 8.20
C LEU A 263 -8.90 -5.83 7.57
N SER B 3 1.60 -32.67 -14.87
CA SER B 3 1.61 -32.79 -16.36
C SER B 3 2.97 -32.38 -16.95
N ALA B 4 3.18 -32.71 -18.22
CA ALA B 4 4.48 -32.56 -18.88
C ALA B 4 4.74 -31.14 -19.40
N VAL B 5 3.68 -30.46 -19.82
CA VAL B 5 3.80 -29.04 -20.15
C VAL B 5 4.22 -28.33 -18.85
N GLN B 6 3.76 -28.86 -17.71
CA GLN B 6 4.16 -28.31 -16.42
C GLN B 6 5.65 -28.26 -16.15
N GLN B 7 6.31 -29.41 -16.35
CA GLN B 7 7.75 -29.52 -16.21
C GLN B 7 8.40 -28.46 -17.07
N LYS B 8 7.95 -28.35 -18.31
CA LYS B 8 8.59 -27.46 -19.25
C LYS B 8 8.42 -25.97 -18.91
N LEU B 9 7.23 -25.57 -18.50
CA LEU B 9 7.00 -24.17 -18.08
C LEU B 9 7.82 -23.82 -16.82
N ALA B 10 7.93 -24.73 -15.87
CA ALA B 10 8.74 -24.44 -14.69
C ALA B 10 10.22 -24.31 -15.05
N ALA B 11 10.69 -25.17 -15.95
CA ALA B 11 12.07 -25.06 -16.43
C ALA B 11 12.33 -23.73 -17.14
N LEU B 12 11.39 -23.30 -17.98
CA LEU B 12 11.52 -22.02 -18.68
C LEU B 12 11.58 -20.89 -17.66
N GLU B 13 10.67 -20.91 -16.70
CA GLU B 13 10.69 -19.88 -15.68
C GLU B 13 12.06 -19.84 -14.95
N LYS B 14 12.53 -21.00 -14.52
CA LYS B 14 13.81 -21.05 -13.80
C LYS B 14 14.96 -20.43 -14.60
N SER B 15 15.03 -20.81 -15.87
N SER B 15 15.07 -20.81 -15.86
CA SER B 15 16.05 -20.32 -16.79
CA SER B 15 16.12 -20.27 -16.73
C SER B 15 15.97 -18.81 -16.99
C SER B 15 16.00 -18.75 -16.78
N SER B 16 14.76 -18.27 -16.84
CA SER B 16 14.45 -16.85 -17.09
C SER B 16 14.84 -15.91 -15.95
N GLY B 17 14.89 -16.46 -14.73
CA GLY B 17 15.17 -15.68 -13.52
C GLY B 17 13.97 -14.89 -13.01
N GLY B 18 12.83 -15.00 -13.71
CA GLY B 18 11.67 -14.17 -13.37
C GLY B 18 10.51 -15.01 -12.88
N ARG B 19 9.32 -14.40 -12.92
CA ARG B 19 8.07 -15.03 -12.53
C ARG B 19 7.17 -15.05 -13.77
N LEU B 20 6.74 -16.26 -14.13
CA LEU B 20 5.95 -16.51 -15.32
C LEU B 20 4.53 -16.96 -14.95
N GLY B 21 3.54 -16.40 -15.62
CA GLY B 21 2.10 -16.74 -15.42
C GLY B 21 1.54 -17.15 -16.77
N VAL B 22 0.89 -18.31 -16.82
CA VAL B 22 0.31 -18.79 -18.08
C VAL B 22 -1.10 -19.30 -17.81
N ALA B 23 -2.03 -18.96 -18.70
CA ALA B 23 -3.35 -19.59 -18.71
C ALA B 23 -3.78 -19.83 -20.15
N LEU B 24 -4.02 -21.10 -20.47
CA LEU B 24 -4.59 -21.51 -21.75
C LEU B 24 -6.02 -21.97 -21.55
N ILE B 25 -6.92 -21.57 -22.44
CA ILE B 25 -8.23 -22.27 -22.56
C ILE B 25 -8.30 -22.81 -23.98
N ASP B 26 -8.49 -24.11 -24.11
CA ASP B 26 -8.67 -24.73 -25.40
C ASP B 26 -10.18 -24.87 -25.61
N THR B 27 -10.77 -24.07 -26.52
CA THR B 27 -12.24 -24.14 -26.69
C THR B 27 -12.72 -25.41 -27.41
N ALA B 28 -11.81 -26.24 -27.91
CA ALA B 28 -12.23 -27.50 -28.51
C ALA B 28 -12.93 -28.37 -27.47
N ASP B 29 -12.42 -28.33 -26.24
CA ASP B 29 -12.84 -29.30 -25.22
C ASP B 29 -12.85 -28.66 -23.82
N ASN B 30 -12.68 -27.33 -23.76
CA ASN B 30 -12.67 -26.57 -22.50
C ASN B 30 -11.55 -26.98 -21.55
N THR B 31 -10.53 -27.63 -22.08
CA THR B 31 -9.39 -27.96 -21.24
C THR B 31 -8.53 -26.72 -20.98
N GLN B 32 -7.77 -26.75 -19.91
CA GLN B 32 -6.96 -25.59 -19.52
C GLN B 32 -5.56 -26.03 -19.16
N VAL B 33 -4.61 -25.13 -19.38
CA VAL B 33 -3.28 -25.27 -18.81
C VAL B 33 -2.99 -24.00 -18.04
N LEU B 34 -2.53 -24.15 -16.79
CA LEU B 34 -2.32 -23.06 -15.86
C LEU B 34 -0.94 -23.18 -15.22
N TYR B 35 -0.25 -22.06 -15.13
CA TYR B 35 1.02 -22.01 -14.43
C TYR B 35 1.02 -20.65 -13.72
N ARG B 36 1.06 -20.67 -12.38
CA ARG B 36 0.80 -19.44 -11.61
C ARG B 36 -0.49 -18.77 -12.10
N GLY B 37 -1.50 -19.58 -12.42
CA GLY B 37 -2.71 -19.09 -13.05
C GLY B 37 -3.54 -18.19 -12.14
N ASP B 38 -3.35 -18.37 -10.83
CA ASP B 38 -4.07 -17.54 -9.85
C ASP B 38 -3.27 -16.47 -9.13
N GLU B 39 -2.01 -16.24 -9.55
CA GLU B 39 -1.26 -15.13 -8.99
C GLU B 39 -1.53 -13.86 -9.77
N ARG B 40 -1.52 -12.73 -9.07
CA ARG B 40 -1.63 -11.43 -9.71
C ARG B 40 -0.32 -11.04 -10.38
N PHE B 41 -0.47 -10.45 -11.55
CA PHE B 41 0.63 -9.87 -12.34
C PHE B 41 0.22 -8.48 -12.82
N PRO B 42 1.18 -7.54 -12.97
CA PRO B 42 0.88 -6.23 -13.56
C PRO B 42 0.51 -6.46 -15.03
N MET B 43 -0.68 -6.01 -15.41
CA MET B 43 -1.21 -6.16 -16.75
C MET B 43 -0.45 -5.33 -17.78
N CYS B 44 0.05 -4.18 -17.35
CA CYS B 44 0.61 -3.18 -18.27
C CYS B 44 -0.38 -3.01 -19.44
N SER B 45 0.10 -2.88 -20.67
CA SER B 45 -0.80 -2.51 -21.77
C SER B 45 -1.78 -3.59 -22.20
N THR B 46 -1.68 -4.78 -21.63
CA THR B 46 -2.75 -5.77 -21.89
C THR B 46 -4.11 -5.25 -21.36
N SER B 47 -4.07 -4.31 -20.40
CA SER B 47 -5.31 -3.67 -19.86
C SER B 47 -6.01 -2.84 -20.93
N LYS B 48 -5.30 -2.48 -22.00
CA LYS B 48 -5.91 -1.72 -23.10
C LYS B 48 -7.05 -2.49 -23.74
N VAL B 49 -7.00 -3.83 -23.67
CA VAL B 49 -8.13 -4.65 -24.16
C VAL B 49 -9.43 -4.37 -23.40
N MET B 50 -9.32 -4.30 -22.08
CA MET B 50 -10.52 -4.07 -21.28
CA MET B 50 -10.50 -4.06 -21.24
C MET B 50 -11.08 -2.67 -21.50
N ALA B 51 -10.19 -1.68 -21.67
CA ALA B 51 -10.68 -0.32 -21.89
C ALA B 51 -11.35 -0.18 -23.24
N ALA B 52 -10.76 -0.74 -24.30
CA ALA B 52 -11.40 -0.66 -25.61
C ALA B 52 -12.72 -1.44 -25.59
N ALA B 53 -12.71 -2.61 -24.95
CA ALA B 53 -13.96 -3.38 -24.83
C ALA B 53 -15.06 -2.62 -24.08
N ALA B 54 -14.68 -1.90 -23.04
CA ALA B 54 -15.65 -1.10 -22.29
C ALA B 54 -16.29 -0.02 -23.18
N VAL B 55 -15.47 0.63 -24.02
CA VAL B 55 -16.03 1.61 -24.92
C VAL B 55 -16.94 0.93 -25.97
N LEU B 56 -16.55 -0.25 -26.43
CA LEU B 56 -17.40 -0.99 -27.36
C LEU B 56 -18.75 -1.29 -26.67
N LYS B 57 -18.73 -1.73 -25.41
CA LYS B 57 -19.99 -1.95 -24.68
C LYS B 57 -20.83 -0.69 -24.62
N GLN B 58 -20.21 0.45 -24.33
CA GLN B 58 -20.94 1.70 -24.32
C GLN B 58 -21.61 1.97 -25.64
N SER B 59 -20.87 1.68 -26.72
CA SER B 59 -21.36 1.92 -28.09
C SER B 59 -22.60 1.07 -28.43
N GLU B 60 -22.90 0.03 -27.61
CA GLU B 60 -24.11 -0.78 -27.86
C GLU B 60 -25.37 0.04 -27.64
N THR B 61 -25.27 0.98 -26.71
CA THR B 61 -26.40 1.86 -26.43
CA THR B 61 -26.36 1.87 -26.36
C THR B 61 -26.22 3.24 -27.04
N GLN B 62 -25.00 3.81 -26.94
CA GLN B 62 -24.71 5.07 -27.63
C GLN B 62 -24.20 4.74 -29.05
N LYS B 63 -25.14 4.57 -29.97
CA LYS B 63 -24.83 3.89 -31.22
C LYS B 63 -23.86 4.64 -32.12
N GLN B 64 -23.77 5.96 -31.96
CA GLN B 64 -22.79 6.72 -32.76
C GLN B 64 -21.48 6.98 -32.02
N LEU B 65 -21.31 6.33 -30.87
CA LEU B 65 -20.21 6.67 -29.98
C LEU B 65 -18.84 6.56 -30.61
N LEU B 66 -18.61 5.53 -31.44
CA LEU B 66 -17.29 5.34 -32.04
C LEU B 66 -16.94 6.46 -33.01
N ASN B 67 -17.93 7.20 -33.47
CA ASN B 67 -17.67 8.32 -34.39
C ASN B 67 -17.50 9.66 -33.66
N GLN B 68 -17.55 9.65 -32.32
CA GLN B 68 -17.43 10.88 -31.53
C GLN B 68 -15.99 11.43 -31.62
N PRO B 69 -15.84 12.70 -32.02
CA PRO B 69 -14.51 13.31 -31.99
C PRO B 69 -14.05 13.65 -30.55
N VAL B 70 -12.80 13.34 -30.28
CA VAL B 70 -12.17 13.57 -28.99
C VAL B 70 -10.96 14.49 -29.22
N GLU B 71 -10.94 15.60 -28.48
CA GLU B 71 -9.84 16.60 -28.55
CA GLU B 71 -9.80 16.55 -28.62
C GLU B 71 -8.48 15.96 -28.10
N ILE B 72 -7.42 16.16 -28.90
CA ILE B 72 -6.07 15.83 -28.46
C ILE B 72 -5.34 17.13 -28.26
N LYS B 73 -5.06 17.49 -27.01
CA LYS B 73 -4.28 18.69 -26.70
C LYS B 73 -2.80 18.37 -26.53
N PRO B 74 -1.93 19.37 -26.77
CA PRO B 74 -0.49 19.09 -26.56
C PRO B 74 -0.21 18.53 -25.17
N ALA B 75 -0.95 19.01 -24.18
CA ALA B 75 -0.71 18.61 -22.80
C ALA B 75 -1.19 17.21 -22.51
N ASP B 76 -2.02 16.63 -23.39
CA ASP B 76 -2.47 15.24 -23.21
C ASP B 76 -1.39 14.21 -23.58
N LEU B 77 -0.40 14.59 -24.39
CA LEU B 77 0.56 13.60 -24.81
C LEU B 77 1.34 13.10 -23.59
N VAL B 78 1.51 11.78 -23.53
CA VAL B 78 2.32 11.18 -22.48
C VAL B 78 3.60 10.60 -23.08
N ASN B 79 3.97 9.37 -22.79
CA ASN B 79 5.33 8.89 -23.09
C ASN B 79 5.43 7.99 -24.31
N TYR B 80 4.37 7.68 -25.00
CA TYR B 80 4.43 6.85 -26.22
C TYR B 80 3.15 7.10 -26.98
N ASN B 81 3.22 7.93 -28.02
CA ASN B 81 2.04 8.51 -28.65
C ASN B 81 2.16 8.46 -30.18
N PRO B 82 2.40 7.26 -30.72
CA PRO B 82 2.72 7.15 -32.15
C PRO B 82 1.59 7.61 -33.06
N ILE B 83 0.34 7.47 -32.63
CA ILE B 83 -0.76 7.97 -33.40
C ILE B 83 -1.20 9.33 -32.91
N ALA B 84 -1.38 9.48 -31.59
CA ALA B 84 -1.95 10.72 -31.08
C ALA B 84 -1.12 11.98 -31.39
N GLU B 85 0.21 11.83 -31.42
CA GLU B 85 1.06 13.00 -31.66
C GLU B 85 0.72 13.66 -33.00
N LYS B 86 0.18 12.90 -33.94
CA LYS B 86 -0.08 13.45 -35.26
C LYS B 86 -1.34 14.27 -35.28
N HIS B 87 -2.14 14.13 -34.23
CA HIS B 87 -3.48 14.76 -34.17
C HIS B 87 -3.60 15.82 -33.10
N VAL B 88 -2.47 16.22 -32.52
CA VAL B 88 -2.50 17.27 -31.51
CA VAL B 88 -2.44 17.28 -31.52
C VAL B 88 -3.08 18.56 -32.10
N ASN B 89 -3.83 19.29 -31.29
CA ASN B 89 -4.56 20.46 -31.78
C ASN B 89 -5.60 20.07 -32.81
N GLY B 90 -6.06 18.83 -32.71
CA GLY B 90 -7.07 18.26 -33.60
C GLY B 90 -7.91 17.26 -32.82
N THR B 91 -8.55 16.36 -33.53
CA THR B 91 -9.34 15.32 -32.90
C THR B 91 -9.09 13.94 -33.45
N MET B 92 -9.45 12.94 -32.66
CA MET B 92 -9.51 11.55 -33.10
C MET B 92 -10.84 11.03 -32.68
N THR B 93 -11.43 10.11 -33.45
CA THR B 93 -12.68 9.49 -33.00
C THR B 93 -12.42 8.39 -31.97
N LEU B 94 -13.43 8.03 -31.18
CA LEU B 94 -13.23 6.91 -30.28
C LEU B 94 -12.85 5.62 -31.00
N ALA B 95 -13.32 5.42 -32.22
CA ALA B 95 -12.86 4.25 -32.99
C ALA B 95 -11.36 4.33 -33.27
N GLU B 96 -10.91 5.51 -33.70
CA GLU B 96 -9.49 5.72 -34.02
C GLU B 96 -8.66 5.56 -32.75
N LEU B 97 -9.17 6.02 -31.62
CA LEU B 97 -8.43 5.93 -30.37
C LEU B 97 -8.34 4.46 -29.92
N SER B 98 -9.42 3.72 -30.15
CA SER B 98 -9.45 2.29 -29.82
C SER B 98 -8.45 1.53 -30.65
N ALA B 99 -8.44 1.78 -31.97
CA ALA B 99 -7.46 1.11 -32.82
C ALA B 99 -6.04 1.55 -32.44
N ALA B 100 -5.87 2.83 -32.10
CA ALA B 100 -4.53 3.31 -31.73
C ALA B 100 -4.03 2.62 -30.48
N ALA B 101 -4.88 2.52 -29.47
CA ALA B 101 -4.52 1.85 -28.23
C ALA B 101 -4.24 0.37 -28.47
N LEU B 102 -5.11 -0.30 -29.21
CA LEU B 102 -4.98 -1.74 -29.36
C LEU B 102 -3.85 -2.17 -30.31
N GLN B 103 -3.81 -1.56 -31.49
CA GLN B 103 -2.89 -2.00 -32.55
C GLN B 103 -1.54 -1.35 -32.51
N TYR B 104 -1.44 -0.16 -31.96
CA TYR B 104 -0.18 0.59 -31.82
C TYR B 104 0.30 0.76 -30.38
N SER B 105 -0.57 0.40 -29.44
CA SER B 105 -0.23 0.53 -28.00
C SER B 105 0.01 1.99 -27.61
N ASP B 106 -0.77 2.89 -28.20
CA ASP B 106 -0.62 4.32 -27.97
C ASP B 106 -1.14 4.67 -26.55
N ASN B 107 -0.27 5.22 -25.70
CA ASN B 107 -0.67 5.54 -24.30
C ASN B 107 -1.59 6.75 -24.17
N THR B 108 -1.47 7.74 -25.07
CA THR B 108 -2.40 8.86 -25.02
C THR B 108 -3.80 8.35 -25.39
N ALA B 109 -3.89 7.52 -26.43
CA ALA B 109 -5.16 6.91 -26.85
C ALA B 109 -5.77 6.15 -25.68
N MET B 110 -4.98 5.35 -24.98
CA MET B 110 -5.51 4.64 -23.79
C MET B 110 -6.07 5.63 -22.76
N ASN B 111 -5.38 6.71 -22.47
CA ASN B 111 -5.90 7.72 -21.56
C ASN B 111 -7.26 8.28 -21.96
N LYS B 112 -7.51 8.40 -23.27
CA LYS B 112 -8.78 8.90 -23.71
C LYS B 112 -9.85 7.84 -23.48
N LEU B 113 -9.52 6.56 -23.71
CA LEU B 113 -10.48 5.48 -23.40
C LEU B 113 -10.79 5.47 -21.92
N ILE B 114 -9.75 5.52 -21.08
CA ILE B 114 -9.98 5.57 -19.63
C ILE B 114 -10.88 6.75 -19.26
N ALA B 115 -10.63 7.94 -19.79
CA ALA B 115 -11.42 9.12 -19.41
C ALA B 115 -12.88 8.96 -19.87
N GLN B 116 -13.07 8.37 -21.04
CA GLN B 116 -14.41 8.07 -21.56
C GLN B 116 -15.23 7.14 -20.64
N LEU B 117 -14.54 6.34 -19.83
CA LEU B 117 -15.15 5.38 -18.93
C LEU B 117 -15.23 5.98 -17.51
N GLY B 118 -14.88 7.26 -17.36
CA GLY B 118 -14.91 7.99 -16.07
C GLY B 118 -13.74 7.65 -15.15
N GLY B 119 -12.62 7.21 -15.74
CA GLY B 119 -11.39 6.91 -15.00
C GLY B 119 -11.17 5.41 -14.83
N PRO B 120 -10.05 5.02 -14.22
CA PRO B 120 -9.74 3.59 -14.10
C PRO B 120 -10.85 2.78 -13.40
N GLY B 121 -11.58 3.41 -12.47
CA GLY B 121 -12.69 2.74 -11.77
C GLY B 121 -13.81 2.31 -12.73
N GLY B 122 -13.99 3.05 -13.82
CA GLY B 122 -15.04 2.72 -14.78
C GLY B 122 -14.62 1.54 -15.65
N VAL B 123 -13.33 1.42 -15.93
CA VAL B 123 -12.87 0.25 -16.61
C VAL B 123 -13.04 -1.00 -15.73
N THR B 124 -12.70 -0.85 -14.45
CA THR B 124 -12.90 -1.93 -13.48
C THR B 124 -14.40 -2.28 -13.38
N ALA B 125 -15.25 -1.27 -13.41
CA ALA B 125 -16.68 -1.50 -13.28
C ALA B 125 -17.20 -2.31 -14.48
N PHE B 126 -16.70 -2.00 -15.67
CA PHE B 126 -17.06 -2.82 -16.84
C PHE B 126 -16.60 -4.29 -16.64
N ALA B 127 -15.37 -4.49 -16.13
CA ALA B 127 -14.90 -5.84 -15.85
C ALA B 127 -15.90 -6.56 -14.93
N ARG B 128 -16.32 -5.89 -13.86
CA ARG B 128 -17.29 -6.50 -12.94
C ARG B 128 -18.62 -6.81 -13.63
N ALA B 129 -19.02 -5.92 -14.53
CA ALA B 129 -20.27 -6.08 -15.25
C ALA B 129 -20.29 -7.31 -16.16
N ILE B 130 -19.13 -7.72 -16.64
CA ILE B 130 -19.05 -8.93 -17.51
C ILE B 130 -18.59 -10.16 -16.77
N GLY B 131 -18.48 -10.05 -15.46
CA GLY B 131 -18.25 -11.21 -14.64
C GLY B 131 -16.83 -11.44 -14.19
N ASP B 132 -15.95 -10.46 -14.45
CA ASP B 132 -14.57 -10.54 -14.01
C ASP B 132 -14.42 -9.81 -12.69
N GLU B 133 -14.25 -10.60 -11.62
CA GLU B 133 -14.12 -10.08 -10.30
CA GLU B 133 -14.16 -10.05 -10.25
C GLU B 133 -12.73 -9.87 -9.78
N THR B 134 -11.78 -10.11 -10.70
CA THR B 134 -10.31 -10.13 -10.43
C THR B 134 -9.58 -8.90 -10.97
N PHE B 135 -9.88 -8.57 -12.22
CA PHE B 135 -9.29 -7.41 -12.88
C PHE B 135 -9.40 -6.14 -12.04
N ARG B 136 -8.33 -5.39 -11.90
CA ARG B 136 -8.46 -4.02 -11.38
C ARG B 136 -7.55 -3.06 -12.15
N LEU B 137 -8.13 -1.94 -12.56
CA LEU B 137 -7.37 -0.79 -13.09
C LEU B 137 -7.49 0.34 -12.10
N ASP B 138 -6.32 0.85 -11.70
CA ASP B 138 -6.20 1.84 -10.65
C ASP B 138 -5.65 3.16 -11.10
N ARG B 139 -4.78 3.12 -12.13
CA ARG B 139 -4.03 4.30 -12.62
C ARG B 139 -4.21 4.51 -14.11
N THR B 140 -3.83 5.70 -14.56
CA THR B 140 -3.82 6.02 -15.98
C THR B 140 -2.41 5.74 -16.52
N GLU B 141 -2.20 6.03 -17.81
CA GLU B 141 -0.88 5.90 -18.40
C GLU B 141 -0.09 7.17 -18.07
N PRO B 142 1.24 7.04 -17.82
CA PRO B 142 2.02 5.83 -17.93
C PRO B 142 2.20 5.04 -16.62
N THR B 143 1.69 5.55 -15.50
CA THR B 143 2.09 4.97 -14.22
C THR B 143 1.45 3.60 -13.92
N LEU B 144 0.41 3.22 -14.68
CA LEU B 144 -0.15 1.88 -14.48
C LEU B 144 0.89 0.78 -14.81
N ASN B 145 2.02 1.17 -15.42
CA ASN B 145 3.06 0.19 -15.80
C ASN B 145 4.24 0.11 -14.84
N THR B 146 4.11 0.68 -13.65
CA THR B 146 5.26 0.62 -12.71
C THR B 146 5.62 -0.82 -12.29
N ALA B 147 4.65 -1.72 -12.24
CA ALA B 147 4.90 -3.13 -11.99
C ALA B 147 5.76 -3.42 -10.74
N ILE B 148 5.51 -2.69 -9.66
CA ILE B 148 6.26 -2.91 -8.40
C ILE B 148 5.92 -4.28 -7.81
N PRO B 149 6.94 -5.08 -7.47
CA PRO B 149 6.66 -6.38 -6.89
C PRO B 149 5.77 -6.24 -5.66
N GLY B 150 4.72 -7.05 -5.61
CA GLY B 150 3.80 -7.09 -4.46
C GLY B 150 2.60 -6.15 -4.58
N ASP B 151 2.68 -5.19 -5.49
CA ASP B 151 1.68 -4.13 -5.63
C ASP B 151 0.47 -4.68 -6.42
N PRO B 152 -0.72 -4.70 -5.81
CA PRO B 152 -1.87 -5.25 -6.52
C PRO B 152 -2.50 -4.28 -7.50
N ARG B 153 -2.05 -3.03 -7.53
CA ARG B 153 -2.66 -2.07 -8.45
C ARG B 153 -2.44 -2.51 -9.92
N ASP B 154 -3.48 -2.37 -10.74
CA ASP B 154 -3.33 -2.58 -12.19
C ASP B 154 -2.89 -4.01 -12.47
N THR B 155 -3.48 -4.95 -11.75
CA THR B 155 -3.18 -6.37 -11.88
C THR B 155 -4.40 -7.21 -12.21
N THR B 156 -4.11 -8.39 -12.76
CA THR B 156 -5.10 -9.47 -12.79
C THR B 156 -4.39 -10.81 -12.71
N THR B 157 -5.12 -11.90 -12.73
CA THR B 157 -4.47 -13.20 -12.78
C THR B 157 -4.57 -13.76 -14.21
N PRO B 158 -3.65 -14.68 -14.55
CA PRO B 158 -3.78 -15.25 -15.91
C PRO B 158 -5.12 -15.96 -16.14
N ARG B 159 -5.59 -16.72 -15.17
CA ARG B 159 -6.87 -17.46 -15.28
C ARG B 159 -8.01 -16.47 -15.52
N ALA B 160 -8.04 -15.38 -14.75
CA ALA B 160 -9.10 -14.42 -14.96
C ALA B 160 -9.08 -13.75 -16.32
N MET B 161 -7.89 -13.38 -16.74
CA MET B 161 -7.76 -12.66 -18.00
CA MET B 161 -7.78 -12.66 -18.01
C MET B 161 -8.03 -13.58 -19.20
N ALA B 162 -7.66 -14.86 -19.07
CA ALA B 162 -7.95 -15.81 -20.18
C ALA B 162 -9.47 -15.99 -20.30
N GLN B 163 -10.14 -16.17 -19.16
CA GLN B 163 -11.61 -16.31 -19.17
C GLN B 163 -12.31 -15.07 -19.72
N THR B 164 -11.87 -13.90 -19.29
CA THR B 164 -12.46 -12.66 -19.79
C THR B 164 -12.16 -12.46 -21.30
N LEU B 165 -10.93 -12.77 -21.74
CA LEU B 165 -10.64 -12.60 -23.17
C LEU B 165 -11.55 -13.55 -23.98
N ARG B 166 -11.75 -14.77 -23.48
CA ARG B 166 -12.68 -15.69 -24.12
C ARG B 166 -14.07 -15.07 -24.21
N GLN B 167 -14.59 -14.56 -23.11
CA GLN B 167 -15.94 -13.99 -23.17
C GLN B 167 -16.04 -12.83 -24.16
N LEU B 168 -15.00 -12.01 -24.21
CA LEU B 168 -15.02 -10.82 -25.05
C LEU B 168 -14.90 -11.15 -26.53
N THR B 169 -14.05 -12.13 -26.87
CA THR B 169 -13.75 -12.40 -28.29
C THR B 169 -14.53 -13.56 -28.90
N LEU B 170 -14.94 -14.51 -28.06
CA LEU B 170 -15.60 -15.72 -28.53
C LEU B 170 -16.98 -15.90 -27.93
N GLY B 171 -17.29 -15.20 -26.85
CA GLY B 171 -18.54 -15.38 -26.15
C GLY B 171 -19.41 -14.16 -26.29
N HIS B 172 -20.15 -13.87 -25.22
CA HIS B 172 -21.24 -12.88 -25.23
C HIS B 172 -21.16 -11.70 -24.30
N ALA B 173 -19.96 -11.34 -23.87
CA ALA B 173 -19.77 -10.15 -23.09
C ALA B 173 -20.17 -8.93 -23.88
N LEU B 174 -19.92 -8.94 -25.20
CA LEU B 174 -20.28 -7.83 -26.08
C LEU B 174 -21.34 -8.26 -27.09
N GLY B 175 -21.97 -7.26 -27.72
CA GLY B 175 -22.91 -7.51 -28.84
C GLY B 175 -22.16 -8.05 -30.06
N GLU B 176 -22.83 -8.77 -30.96
CA GLU B 176 -22.13 -9.44 -32.07
C GLU B 176 -21.25 -8.48 -32.85
N THR B 177 -21.75 -7.32 -33.23
CA THR B 177 -20.97 -6.37 -34.05
C THR B 177 -19.73 -5.94 -33.27
N GLN B 178 -19.91 -5.72 -31.97
CA GLN B 178 -18.80 -5.26 -31.11
C GLN B 178 -17.76 -6.35 -30.89
N ARG B 179 -18.21 -7.59 -30.68
CA ARG B 179 -17.26 -8.71 -30.62
CA ARG B 179 -17.25 -8.70 -30.61
C ARG B 179 -16.44 -8.79 -31.89
N ALA B 180 -17.10 -8.67 -33.04
CA ALA B 180 -16.36 -8.73 -34.30
C ALA B 180 -15.36 -7.59 -34.44
N GLN B 181 -15.75 -6.40 -34.01
CA GLN B 181 -14.87 -5.26 -34.10
C GLN B 181 -13.64 -5.47 -33.21
N LEU B 182 -13.86 -5.98 -31.99
CA LEU B 182 -12.72 -6.23 -31.09
C LEU B 182 -11.76 -7.27 -31.73
N VAL B 183 -12.32 -8.33 -32.29
CA VAL B 183 -11.50 -9.36 -32.92
C VAL B 183 -10.74 -8.76 -34.09
N THR B 184 -11.42 -7.98 -34.92
CA THR B 184 -10.75 -7.34 -36.06
C THR B 184 -9.58 -6.47 -35.59
N TRP B 185 -9.77 -5.67 -34.55
CA TRP B 185 -8.67 -4.84 -34.07
C TRP B 185 -7.52 -5.69 -33.57
N LEU B 186 -7.78 -6.71 -32.76
CA LEU B 186 -6.68 -7.54 -32.23
C LEU B 186 -5.92 -8.25 -33.35
N LYS B 187 -6.65 -8.71 -34.37
CA LYS B 187 -6.01 -9.39 -35.50
C LYS B 187 -5.12 -8.43 -36.30
N GLY B 188 -5.40 -7.13 -36.19
CA GLY B 188 -4.58 -6.09 -36.87
C GLY B 188 -3.45 -5.56 -35.99
N ASN B 189 -3.21 -6.21 -34.85
CA ASN B 189 -2.12 -5.74 -33.98
C ASN B 189 -0.76 -5.64 -34.73
N THR B 190 -0.04 -4.56 -34.48
CA THR B 190 1.30 -4.40 -35.05
C THR B 190 2.45 -4.85 -34.19
N THR B 191 2.19 -5.15 -32.92
CA THR B 191 3.26 -5.26 -31.93
C THR B 191 3.58 -6.70 -31.48
N GLY B 192 2.92 -7.69 -32.04
CA GLY B 192 2.90 -9.03 -31.47
C GLY B 192 3.76 -10.12 -32.04
N ALA B 193 4.50 -9.84 -33.13
CA ALA B 193 5.16 -10.94 -33.84
C ALA B 193 6.32 -11.59 -33.10
N ALA B 194 6.82 -10.94 -32.04
CA ALA B 194 7.92 -11.49 -31.26
C ALA B 194 7.45 -12.19 -29.98
N SER B 195 6.13 -12.15 -29.71
CA SER B 195 5.65 -12.60 -28.41
C SER B 195 4.97 -13.97 -28.53
N ILE B 196 3.74 -14.14 -28.04
CA ILE B 196 3.08 -15.44 -28.15
C ILE B 196 3.09 -15.97 -29.60
N ARG B 197 2.78 -15.09 -30.57
CA ARG B 197 2.63 -15.58 -31.93
C ARG B 197 3.96 -16.08 -32.53
N ALA B 198 5.10 -15.65 -32.00
CA ALA B 198 6.38 -16.23 -32.43
C ALA B 198 6.53 -17.71 -32.09
N GLY B 199 5.79 -18.21 -31.10
CA GLY B 199 5.89 -19.60 -30.70
C GLY B 199 4.83 -20.50 -31.33
N LEU B 200 4.05 -19.95 -32.26
CA LEU B 200 2.97 -20.71 -32.90
C LEU B 200 3.30 -20.89 -34.36
N PRO B 201 2.86 -21.99 -34.97
CA PRO B 201 2.94 -22.06 -36.44
C PRO B 201 2.31 -20.82 -37.10
N THR B 202 2.83 -20.33 -38.25
CA THR B 202 2.23 -19.11 -38.85
C THR B 202 0.78 -19.29 -39.37
N SER B 203 0.38 -20.54 -39.67
CA SER B 203 -1.01 -20.85 -40.09
C SER B 203 -2.02 -20.70 -38.96
N TRP B 204 -1.54 -20.45 -37.76
CA TRP B 204 -2.42 -20.32 -36.59
C TRP B 204 -2.86 -18.88 -36.38
N THR B 205 -3.69 -18.40 -37.30
N THR B 205 -3.66 -18.38 -37.31
CA THR B 205 -4.17 -17.03 -37.31
CA THR B 205 -3.98 -16.97 -37.28
C THR B 205 -4.55 -16.52 -35.92
C THR B 205 -4.25 -16.61 -35.84
N ALA B 206 -4.07 -15.35 -35.54
CA ALA B 206 -4.29 -14.88 -34.16
C ALA B 206 -4.43 -13.39 -34.08
N GLY B 207 -5.01 -12.95 -32.97
CA GLY B 207 -4.96 -11.54 -32.59
C GLY B 207 -4.36 -11.48 -31.20
N ASP B 208 -3.68 -10.40 -30.88
CA ASP B 208 -3.07 -10.31 -29.55
C ASP B 208 -2.92 -8.87 -29.09
N LYS B 209 -2.68 -8.70 -27.78
CA LYS B 209 -2.31 -7.40 -27.23
C LYS B 209 -1.14 -7.58 -26.29
N THR B 210 -0.04 -6.89 -26.59
CA THR B 210 1.17 -6.95 -25.76
C THR B 210 1.12 -5.95 -24.63
N GLY B 211 2.01 -6.13 -23.65
CA GLY B 211 2.29 -5.07 -22.68
C GLY B 211 3.69 -5.22 -22.13
N SER B 212 4.21 -4.15 -21.57
CA SER B 212 5.51 -4.17 -20.87
C SER B 212 5.60 -3.00 -19.90
N GLY B 213 6.56 -3.09 -18.98
CA GLY B 213 6.72 -2.07 -17.96
C GLY B 213 8.05 -2.16 -17.28
N ASP B 214 8.09 -1.48 -16.13
CA ASP B 214 9.28 -1.68 -15.30
C ASP B 214 9.38 -3.14 -14.80
N TYR B 215 10.49 -3.45 -14.11
CA TYR B 215 10.76 -4.82 -13.65
C TYR B 215 10.79 -5.83 -14.79
N GLY B 216 11.21 -5.36 -15.98
CA GLY B 216 11.31 -6.23 -17.14
C GLY B 216 9.98 -6.91 -17.44
N THR B 217 8.86 -6.27 -17.09
CA THR B 217 7.56 -6.90 -17.25
C THR B 217 7.28 -6.99 -18.73
N THR B 218 6.90 -8.19 -19.16
CA THR B 218 6.71 -8.47 -20.60
C THR B 218 5.51 -9.39 -20.73
N ASN B 219 4.43 -8.92 -21.37
CA ASN B 219 3.15 -9.64 -21.35
C ASN B 219 2.54 -9.78 -22.72
N ASP B 220 1.62 -10.72 -22.87
CA ASP B 220 0.84 -10.81 -24.11
C ASP B 220 -0.41 -11.62 -23.81
N ILE B 221 -1.51 -11.24 -24.45
CA ILE B 221 -2.75 -12.03 -24.39
C ILE B 221 -3.24 -12.21 -25.81
N ALA B 222 -3.69 -13.42 -26.11
CA ALA B 222 -4.02 -13.75 -27.51
C ALA B 222 -5.24 -14.64 -27.65
N VAL B 223 -5.94 -14.46 -28.77
CA VAL B 223 -6.96 -15.39 -29.23
C VAL B 223 -6.40 -16.00 -30.53
N ILE B 224 -6.47 -17.31 -30.61
CA ILE B 224 -5.75 -18.05 -31.63
C ILE B 224 -6.70 -19.01 -32.32
N TRP B 225 -6.64 -19.05 -33.65
CA TRP B 225 -7.40 -20.00 -34.44
C TRP B 225 -6.42 -20.96 -35.08
N PRO B 226 -6.10 -22.07 -34.40
CA PRO B 226 -5.14 -23.01 -35.00
C PRO B 226 -5.68 -23.61 -36.27
N GLN B 227 -5.00 -23.88 -37.35
CA GLN B 227 -5.57 -24.39 -38.58
C GLN B 227 -6.32 -25.70 -38.31
N GLY B 228 -7.56 -25.75 -38.76
CA GLY B 228 -8.38 -26.93 -38.66
C GLY B 228 -9.02 -27.22 -37.32
N ARG B 229 -8.94 -26.29 -36.37
CA ARG B 229 -9.32 -26.53 -34.95
CA ARG B 229 -9.50 -26.58 -35.07
C ARG B 229 -10.01 -25.37 -34.30
N ALA B 230 -10.70 -25.66 -33.22
CA ALA B 230 -11.38 -24.67 -32.44
C ALA B 230 -10.37 -23.69 -31.83
N PRO B 231 -10.81 -22.45 -31.56
CA PRO B 231 -9.80 -21.49 -31.14
C PRO B 231 -9.29 -21.73 -29.73
N LEU B 232 -8.13 -21.15 -29.45
CA LEU B 232 -7.53 -21.10 -28.13
C LEU B 232 -7.51 -19.69 -27.60
N VAL B 233 -7.50 -19.58 -26.27
CA VAL B 233 -7.15 -18.30 -25.66
C VAL B 233 -5.90 -18.51 -24.80
N LEU B 234 -4.93 -17.62 -24.91
CA LEU B 234 -3.69 -17.79 -24.19
C LEU B 234 -3.22 -16.48 -23.60
N VAL B 235 -2.91 -16.53 -22.30
N VAL B 235 -2.95 -16.49 -22.29
CA VAL B 235 -2.34 -15.44 -21.56
CA VAL B 235 -2.33 -15.36 -21.60
C VAL B 235 -0.94 -15.80 -21.09
C VAL B 235 -0.96 -15.78 -21.11
N THR B 236 0.04 -14.95 -21.39
CA THR B 236 1.39 -15.14 -20.86
C THR B 236 1.86 -13.84 -20.24
N TYR B 237 2.08 -13.88 -18.93
CA TYR B 237 2.58 -12.75 -18.18
C TYR B 237 3.95 -13.07 -17.59
N PHE B 238 4.83 -12.07 -17.56
CA PHE B 238 6.21 -12.30 -17.10
C PHE B 238 6.75 -11.06 -16.44
N THR B 239 7.39 -11.22 -15.28
CA THR B 239 7.97 -10.07 -14.61
C THR B 239 9.24 -10.50 -13.89
N GLN B 240 10.10 -9.54 -13.55
CA GLN B 240 11.45 -9.86 -13.05
C GLN B 240 11.79 -9.07 -11.78
N PRO B 241 12.91 -9.42 -11.14
CA PRO B 241 13.17 -8.83 -9.83
C PRO B 241 13.83 -7.45 -9.89
N GLN B 242 14.52 -7.13 -10.96
CA GLN B 242 15.23 -5.86 -11.05
C GLN B 242 14.42 -4.81 -11.78
N GLN B 243 14.30 -3.62 -11.21
CA GLN B 243 13.50 -2.57 -11.80
CA GLN B 243 13.49 -2.59 -11.80
C GLN B 243 13.85 -2.30 -13.26
N ASN B 244 15.15 -2.36 -13.58
CA ASN B 244 15.61 -2.00 -14.90
CA ASN B 244 15.62 -2.01 -14.92
C ASN B 244 15.90 -3.22 -15.81
N ALA B 245 15.34 -4.37 -15.46
CA ALA B 245 15.51 -5.60 -16.26
C ALA B 245 15.06 -5.42 -17.70
N GLU B 246 15.76 -6.09 -18.62
CA GLU B 246 15.43 -6.14 -20.05
C GLU B 246 14.10 -6.82 -20.34
N SER B 247 13.39 -6.39 -21.38
CA SER B 247 12.18 -7.11 -21.79
CA SER B 247 12.18 -7.11 -21.80
C SER B 247 12.57 -8.50 -22.28
N ARG B 248 11.65 -9.45 -22.14
CA ARG B 248 11.89 -10.84 -22.54
C ARG B 248 10.73 -11.40 -23.37
N ARG B 249 10.49 -10.84 -24.55
CA ARG B 249 9.43 -11.35 -25.39
C ARG B 249 9.67 -12.81 -25.78
N ASP B 250 10.95 -13.17 -25.88
CA ASP B 250 11.32 -14.54 -26.18
C ASP B 250 10.78 -15.53 -25.12
N VAL B 251 10.64 -15.10 -23.86
CA VAL B 251 10.11 -16.01 -22.83
C VAL B 251 8.64 -16.30 -23.15
N LEU B 252 7.92 -15.28 -23.63
CA LEU B 252 6.50 -15.49 -23.97
C LEU B 252 6.37 -16.40 -25.17
N ALA B 253 7.24 -16.21 -26.17
CA ALA B 253 7.25 -17.08 -27.35
C ALA B 253 7.55 -18.52 -26.96
N SER B 254 8.54 -18.71 -26.06
CA SER B 254 8.89 -20.03 -25.58
C SER B 254 7.72 -20.72 -24.83
N ALA B 255 6.99 -19.96 -24.00
CA ALA B 255 5.87 -20.55 -23.31
C ALA B 255 4.78 -20.92 -24.29
N ALA B 256 4.53 -20.06 -25.28
CA ALA B 256 3.54 -20.43 -26.31
C ALA B 256 3.94 -21.70 -27.10
N ARG B 257 5.22 -21.81 -27.44
CA ARG B 257 5.69 -23.00 -28.15
C ARG B 257 5.52 -24.26 -27.31
N ILE B 258 5.77 -24.15 -26.00
CA ILE B 258 5.55 -25.28 -25.09
C ILE B 258 4.08 -25.70 -25.10
N ILE B 259 3.21 -24.71 -24.99
CA ILE B 259 1.75 -24.92 -25.03
C ILE B 259 1.33 -25.58 -26.34
N ALA B 260 1.81 -25.04 -27.47
CA ALA B 260 1.37 -25.49 -28.79
C ALA B 260 1.84 -26.93 -29.02
N GLU B 261 3.05 -27.24 -28.59
CA GLU B 261 3.62 -28.57 -28.81
C GLU B 261 2.92 -29.62 -27.94
N GLY B 262 2.24 -29.15 -26.88
CA GLY B 262 1.55 -30.05 -25.95
C GLY B 262 0.07 -30.28 -26.23
N LEU B 263 -0.44 -29.70 -27.32
CA LEU B 263 -1.83 -29.89 -27.74
C LEU B 263 -2.01 -31.18 -28.56
O21 DN8 C . 4.10 20.24 28.23
C7 DN8 C . 3.26 20.60 27.40
C4 DN8 C . 3.59 21.71 26.44
C3 DN8 C . 2.62 22.16 25.53
C2 DN8 C . 2.92 23.18 24.64
C5 DN8 C . 4.87 22.26 26.44
C6 DN8 C . 5.17 23.28 25.53
BR1 DN8 C . 6.89 24.01 25.51
C1 DN8 C . 4.21 23.75 24.63
N8 DN8 C . 2.04 20.06 27.31
C9 DN8 C . 1.76 18.79 27.86
C14 DN8 C . 2.13 18.51 29.17
C13 DN8 C . 1.84 17.28 29.75
C12 DN8 C . 1.14 16.28 29.08
C11 DN8 C . 0.72 16.55 27.77
C10 DN8 C . 1.05 17.79 27.18
C15 DN8 C . 0.04 15.55 27.07
N19 DN8 C . -0.54 15.63 25.88
N18 DN8 C . -1.13 14.46 25.53
N17 DN8 C . -0.97 13.62 26.57
N16 DN8 C . -0.22 14.32 27.51
O21 DN8 D . -1.23 19.79 30.27
C7 DN8 D . -1.58 19.78 29.09
C4 DN8 D . -2.22 18.56 28.52
C3 DN8 D . -2.64 18.55 27.19
C2 DN8 D . -3.24 17.38 26.70
C5 DN8 D . -2.38 17.45 29.35
C6 DN8 D . -2.98 16.29 28.84
BR1 DN8 D . -3.15 14.79 29.99
C1 DN8 D . -3.42 16.26 27.53
N8 DN8 D . -1.40 20.83 28.31
C9 DN8 D . -0.67 21.92 28.62
C14 DN8 D . -0.08 22.08 29.88
C13 DN8 D . 0.63 23.24 30.12
C12 DN8 D . 0.75 24.23 29.15
C11 DN8 D . 0.15 24.06 27.89
C10 DN8 D . -0.56 22.90 27.64
C15 DN8 D . 0.26 25.02 26.89
N19 DN8 D . 0.91 26.20 26.98
N18 DN8 D . 0.78 26.90 25.76
N17 DN8 D . 0.01 26.08 24.92
N16 DN8 D . -0.30 24.92 25.66
O21 DN8 E . 20.93 -2.62 28.42
C7 DN8 E . 21.45 -1.64 27.91
C4 DN8 E . 20.98 -0.29 28.30
C3 DN8 E . 21.59 0.81 27.71
C2 DN8 E . 21.21 2.10 28.02
C5 DN8 E . 19.97 -0.13 29.21
C6 DN8 E . 19.59 1.16 29.53
BR1 DN8 E . 18.19 1.39 30.77
C1 DN8 E . 20.19 2.28 28.93
N8 DN8 E . 22.44 -1.58 27.03
C9 DN8 E . 23.18 -2.46 26.33
C14 DN8 E . 23.66 -3.72 26.69
C13 DN8 E . 24.44 -4.42 25.73
C12 DN8 E . 24.73 -3.87 24.46
C11 DN8 E . 24.23 -2.59 24.14
C10 DN8 E . 23.48 -1.94 25.08
C15 DN8 E . 24.39 -1.88 22.96
N19 DN8 E . 23.84 -0.64 22.79
N18 DN8 E . 24.16 -0.15 21.51
N17 DN8 E . 24.94 -1.15 20.91
N16 DN8 E . 25.06 -2.21 21.83
O21 DN8 F . 17.84 30.40 16.50
C7 DN8 F . 17.34 29.37 16.96
C4 DN8 F . 16.53 28.47 16.07
C3 DN8 F . 16.35 28.76 14.73
C2 DN8 F . 15.60 27.90 13.93
C5 DN8 F . 15.99 27.30 16.60
C6 DN8 F . 15.24 26.43 15.79
BR1 DN8 F . 14.51 24.86 16.55
C1 DN8 F . 15.04 26.73 14.43
N8 DN8 F . 17.46 28.99 18.25
C9 DN8 F . 17.95 29.72 19.29
C14 DN8 F . 17.18 29.93 20.44
C13 DN8 F . 17.67 30.67 21.51
C12 DN8 F . 18.95 31.22 21.46
C11 DN8 F . 19.72 31.03 20.31
C10 DN8 F . 19.22 30.28 19.24
C15 DN8 F . 21.02 31.54 20.20
N19 DN8 F . 21.69 32.29 21.11
N18 DN8 F . 22.95 32.60 20.58
N17 DN8 F . 23.00 32.02 19.32
N16 DN8 F . 21.79 31.37 19.12
O21 DN8 G . 9.20 -10.52 14.80
C7 DN8 G . 8.86 -10.52 15.96
C4 DN8 G . 8.97 -9.24 16.74
C3 DN8 G . 8.59 -9.18 18.08
C2 DN8 G . 8.69 -7.98 18.78
C5 DN8 G . 9.48 -8.12 16.09
C6 DN8 G . 9.60 -6.92 16.78
BR1 DN8 G . 10.29 -5.40 15.87
C1 DN8 G . 9.21 -6.87 18.12
N8 DN8 G . 8.39 -11.60 16.59
C9 DN8 G . 8.28 -12.83 16.05
C14 DN8 G . 7.99 -13.91 16.90
C13 DN8 G . 7.86 -15.20 16.40
C12 DN8 G . 8.02 -15.43 15.03
C11 DN8 G . 8.30 -14.37 14.18
C10 DN8 G . 8.44 -13.07 14.68
C15 DN8 G . 8.47 -14.61 12.82
N19 DN8 G . 8.75 -13.67 11.90
N18 DN8 G . 8.83 -14.28 10.65
N17 DN8 G . 8.58 -15.65 10.84
N16 DN8 G . 8.36 -15.82 12.22
O21 DN8 H . -7.64 21.95 27.01
C7 DN8 H . -8.83 21.71 27.19
C4 DN8 H . -9.73 22.86 27.43
C3 DN8 H . -11.09 22.66 27.63
C2 DN8 H . -11.91 23.77 27.86
C5 DN8 H . -9.17 24.11 27.44
C6 DN8 H . -9.99 25.20 27.66
BR1 DN8 H . -9.16 26.89 27.66
C1 DN8 H . -11.35 25.04 27.87
N8 DN8 H . -9.37 20.51 27.20
C9 DN8 H . -8.75 19.32 26.96
C14 DN8 H . -9.23 18.23 27.67
C13 DN8 H . -8.66 16.98 27.48
C12 DN8 H . -7.63 16.81 26.56
C11 DN8 H . -7.15 17.90 25.84
C10 DN8 H . -7.73 19.16 26.04
C15 DN8 H . -6.12 17.68 24.92
N19 DN8 H . -5.54 18.62 24.13
N18 DN8 H . -4.55 18.00 23.36
N17 DN8 H . -4.52 16.65 23.67
N16 DN8 H . -5.53 16.49 24.66
S DMS I . 2.21 17.83 2.94
O DMS I . 2.03 19.60 2.69
C1 DMS I . 3.94 17.38 2.80
C2 DMS I . 1.86 17.55 4.71
O21 DN8 J . 4.54 3.16 -20.52
C7 DN8 J . 5.51 2.43 -20.46
C4 DN8 J . 6.31 2.38 -19.17
C3 DN8 J . 7.47 1.60 -19.09
C2 DN8 J . 8.22 1.55 -17.90
C5 DN8 J . 5.90 3.12 -18.05
C6 DN8 J . 6.64 3.06 -16.88
BR1 DN8 J . 6.04 4.04 -15.40
C1 DN8 J . 7.80 2.28 -16.78
N8 DN8 J . 5.87 1.72 -21.51
C9 DN8 J . 5.04 1.35 -22.54
C14 DN8 J . 4.32 2.33 -23.16
C13 DN8 J . 3.48 2.03 -24.23
C12 DN8 J . 3.37 0.72 -24.70
C11 DN8 J . 4.09 -0.30 -24.09
C10 DN8 J . 4.93 0.02 -23.01
C15 DN8 J . 3.96 -1.60 -24.61
N19 DN8 J . 4.64 -2.70 -24.24
N18 DN8 J . 4.23 -3.79 -24.98
N17 DN8 J . 3.25 -3.37 -25.83
N16 DN8 J . 3.11 -1.99 -25.58
O21 DN8 K . 8.79 0.38 -24.01
C7 DN8 K . 7.93 0.75 -24.81
C4 DN8 K . 7.39 -0.28 -25.72
C3 DN8 K . 7.90 -1.57 -25.58
C2 DN8 K . 7.44 -2.60 -26.39
C5 DN8 K . 6.43 0.00 -26.68
C6 DN8 K . 5.99 -1.05 -27.48
BR1 DN8 K . 4.69 -0.76 -28.80
C1 DN8 K . 6.48 -2.34 -27.36
N8 DN8 K . 7.53 2.01 -24.88
C9 DN8 K . 8.01 2.93 -24.03
C14 DN8 K . 7.70 4.26 -24.22
C13 DN8 K . 8.18 5.24 -23.35
C12 DN8 K . 9.00 4.89 -22.29
C11 DN8 K . 9.33 3.55 -22.09
C10 DN8 K . 8.84 2.57 -22.97
C15 DN8 K . 10.16 3.19 -21.02
N19 DN8 K . 10.57 1.93 -20.71
N18 DN8 K . 11.40 1.98 -19.58
N17 DN8 K . 11.47 3.34 -19.21
N16 DN8 K . 10.69 4.06 -20.13
O21 DN8 L . -19.76 2.98 -14.74
C7 DN8 L . -19.53 2.80 -15.92
C4 DN8 L . -19.70 1.41 -16.54
C3 DN8 L . -20.12 0.30 -15.80
C2 DN8 L . -20.27 -0.97 -16.39
C5 DN8 L . -19.44 1.23 -17.89
C6 DN8 L . -19.59 -0.03 -18.47
BR1 DN8 L . -19.18 -0.11 -20.29
C1 DN8 L . -19.99 -1.14 -17.75
N8 DN8 L . -19.18 3.83 -16.68
C9 DN8 L . -18.98 5.11 -16.28
C14 DN8 L . -18.63 6.05 -17.24
C13 DN8 L . -18.39 7.38 -16.91
C12 DN8 L . -18.50 7.80 -15.58
C11 DN8 L . -18.84 6.86 -14.61
C10 DN8 L . -19.09 5.53 -14.96
C15 DN8 L . -18.95 7.29 -13.30
N19 DN8 L . -18.72 8.57 -12.94
N18 DN8 L . -18.90 8.69 -11.55
N17 DN8 L . -19.27 7.43 -11.09
N16 DN8 L . -19.30 6.58 -12.20
O21 DN8 M . -18.46 -2.14 -10.42
C7 DN8 M . -19.07 -1.86 -9.41
C4 DN8 M . -19.61 -3.02 -8.61
C3 DN8 M . -20.35 -2.80 -7.44
C2 DN8 M . -20.82 -3.90 -6.71
C5 DN8 M . -19.37 -4.33 -9.03
C6 DN8 M . -19.85 -5.43 -8.31
BR1 DN8 M . -19.51 -7.22 -8.90
C1 DN8 M . -20.58 -5.21 -7.14
N8 DN8 M . -19.30 -0.58 -9.04
C9 DN8 M . -18.44 0.47 -8.86
C14 DN8 M . -17.85 0.62 -7.60
C13 DN8 M . -16.97 1.67 -7.35
C12 DN8 M . -16.69 2.60 -8.36
C11 DN8 M . -17.27 2.48 -9.62
C10 DN8 M . -18.14 1.42 -9.87
C15 DN8 M . -16.93 3.45 -10.58
N19 DN8 M . -16.08 4.50 -10.34
N18 DN8 M . -15.97 5.28 -11.51
N17 DN8 M . -16.79 4.66 -12.48
N16 DN8 M . -17.37 3.54 -11.86
O21 DN8 N . -4.04 8.95 -37.81
C7 DN8 N . -3.56 8.21 -38.65
C4 DN8 N . -3.73 6.71 -38.44
C3 DN8 N . -3.23 5.77 -39.35
C2 DN8 N . -3.41 4.40 -39.10
C5 DN8 N . -4.40 6.26 -37.30
C6 DN8 N . -4.58 4.91 -37.04
BR1 DN8 N . -5.49 4.31 -35.48
C1 DN8 N . -4.09 3.97 -37.95
N8 DN8 N . -2.95 8.77 -39.71
C9 DN8 N . -1.71 9.37 -39.69
C14 DN8 N . -0.59 8.62 -39.32
C13 DN8 N . 0.68 9.18 -39.29
C12 DN8 N . 0.86 10.52 -39.63
C11 DN8 N . -0.24 11.29 -40.01
C10 DN8 N . -1.52 10.71 -40.03
C15 DN8 N . -0.02 12.62 -40.34
N19 DN8 N . -0.98 13.50 -40.73
N18 DN8 N . -0.37 14.75 -40.99
N17 DN8 N . 1.00 14.59 -40.74
N16 DN8 N . 1.19 13.25 -40.35
S DMS O . 9.37 -16.86 -9.28
O DMS O . 8.21 -16.91 -7.89
C1 DMS O . 10.34 -15.33 -9.14
C2 DMS O . 10.66 -18.12 -9.09
#